data_4TV6
#
_entry.id   4TV6
#
_cell.length_a   77.240
_cell.length_b   77.240
_cell.length_c   75.810
_cell.angle_alpha   90.000
_cell.angle_beta   90.000
_cell.angle_gamma   120.000
#
_symmetry.space_group_name_H-M   'P 3 1 2'
#
loop_
_entity.id
_entity.type
_entity.pdbx_description
1 polymer '2-dehydro-3-deoxyglucarate aldolase'
2 non-polymer 'OXALOACETATE ION'
3 water water
#
_entity_poly.entity_id   1
_entity_poly.type   'polypeptide(L)'
_entity_poly.pdbx_seq_one_letter_code
;MMQQLSLKHRLNNGDSVYGIFNSIPDPLMIEVIAASGYDFVVIDTEHVAINDETLAHLIRAAEAAHIIPIVRVTAVIDRD
IIKVLDMGARGIIVPHVKDRETVEHIVKLSRYYPQGLRSLNGGRMARFGRTPLLDAMEMANEHIMVIAMIQDVEGVMAID
DIAQVEGLDMIVEGAADLSQSLGIPWQTRDDQVTSHVQHIFEVVNAHGKHFCALPREDEDIAKWQAQGVQTFILGDDRGK
IYRHLSASLATSKQKGDEG
;
_entity_poly.pdbx_strand_id   A
#
# COMPACT_ATOMS: atom_id res chain seq x y z
N SER A 6 4.96 13.07 -8.87
CA SER A 6 3.95 12.04 -8.97
C SER A 6 4.55 10.65 -8.80
N LEU A 7 3.73 9.70 -8.33
CA LEU A 7 4.21 8.35 -8.10
C LEU A 7 4.50 7.59 -9.41
N LYS A 8 3.72 7.87 -10.45
CA LYS A 8 3.89 7.23 -11.76
C LYS A 8 5.19 7.64 -12.40
N HIS A 9 5.30 8.96 -12.48
CA HIS A 9 6.46 9.77 -12.77
C HIS A 9 7.78 9.28 -12.14
N ARG A 10 7.78 8.88 -10.85
CA ARG A 10 8.94 8.17 -10.30
C ARG A 10 9.15 6.79 -10.95
N LEU A 11 8.08 6.03 -11.06
CA LEU A 11 8.13 4.68 -11.61
C LEU A 11 8.52 4.63 -13.08
N ASN A 12 8.23 5.71 -13.82
CA ASN A 12 8.55 5.77 -15.24
C ASN A 12 10.00 6.19 -15.50
N ASN A 13 10.68 6.58 -14.43
CA ASN A 13 12.07 7.04 -14.51
C ASN A 13 13.05 5.97 -14.05
N GLY A 14 12.52 4.83 -13.64
CA GLY A 14 13.35 3.74 -13.15
C GLY A 14 13.65 3.88 -11.68
N ASP A 15 12.94 4.79 -11.02
CA ASP A 15 13.16 5.05 -9.60
C ASP A 15 12.51 3.99 -8.72
N SER A 16 13.20 3.61 -7.66
CA SER A 16 12.58 2.82 -6.60
C SER A 16 11.90 3.77 -5.62
N VAL A 17 10.71 3.40 -5.17
CA VAL A 17 9.99 4.22 -4.21
C VAL A 17 9.66 3.43 -2.96
N TYR A 18 9.84 4.07 -1.81
CA TYR A 18 9.64 3.41 -0.53
C TYR A 18 8.56 4.09 0.30
N GLY A 19 7.61 3.30 0.78
CA GLY A 19 6.50 3.82 1.56
C GLY A 19 6.29 3.07 2.86
N ILE A 20 5.34 3.55 3.66
CA ILE A 20 5.03 2.94 4.94
C ILE A 20 3.55 3.12 5.26
N PHE A 21 2.99 2.18 6.02
CA PHE A 21 1.61 2.31 6.48
C PHE A 21 1.53 3.27 7.64
N ASN A 22 0.47 4.08 7.65
CA ASN A 22 0.26 5.05 8.72
C ASN A 22 -0.96 4.69 9.56
N SER A 23 -0.72 4.31 10.82
CA SER A 23 -1.79 3.87 11.70
C SER A 23 -2.14 4.94 12.73
N ILE A 24 -1.39 6.04 12.71
CA ILE A 24 -1.59 7.12 13.67
C ILE A 24 -1.98 8.40 12.94
N PRO A 25 -3.28 8.76 13.01
CA PRO A 25 -3.85 9.87 12.25
C PRO A 25 -3.46 11.25 12.80
N ASP A 26 -2.15 11.47 12.94
CA ASP A 26 -1.66 12.76 13.42
C ASP A 26 -0.73 13.38 12.38
N PRO A 27 -0.95 14.66 12.06
CA PRO A 27 -0.17 15.38 11.05
C PRO A 27 1.33 15.42 11.36
N LEU A 28 1.68 15.40 12.65
CA LEU A 28 3.09 15.39 13.05
C LEU A 28 3.75 14.07 12.68
N MET A 29 2.98 12.99 12.79
CA MET A 29 3.48 11.68 12.39
C MET A 29 3.74 11.63 10.89
N ILE A 30 2.87 12.27 10.13
CA ILE A 30 3.04 12.39 8.69
C ILE A 30 4.33 13.13 8.36
N GLU A 31 4.55 14.24 9.04
CA GLU A 31 5.73 15.08 8.81
C GLU A 31 7.00 14.36 9.28
N VAL A 32 6.86 13.51 10.27
CA VAL A 32 7.98 12.70 10.77
C VAL A 32 8.38 11.66 9.72
N ILE A 33 7.38 11.02 9.13
CA ILE A 33 7.61 10.03 8.08
C ILE A 33 8.29 10.67 6.86
N ALA A 34 7.81 11.84 6.46
CA ALA A 34 8.38 12.56 5.33
C ALA A 34 9.85 12.91 5.58
N ALA A 35 10.16 13.30 6.81
CA ALA A 35 11.51 13.68 7.19
C ALA A 35 12.44 12.47 7.29
N SER A 36 11.85 11.30 7.42
CA SER A 36 12.62 10.07 7.53
C SER A 36 13.11 9.60 6.15
N GLY A 37 12.57 10.20 5.10
CA GLY A 37 13.04 9.94 3.75
C GLY A 37 12.08 9.14 2.89
N TYR A 38 10.92 8.81 3.43
CA TYR A 38 9.93 8.01 2.71
C TYR A 38 9.36 8.77 1.51
N ASP A 39 9.24 8.07 0.38
CA ASP A 39 8.75 8.67 -0.85
C ASP A 39 7.24 8.85 -0.80
N PHE A 40 6.55 7.92 -0.14
CA PHE A 40 5.11 8.05 0.08
C PHE A 40 4.70 7.45 1.41
N VAL A 41 3.48 7.78 1.84
CA VAL A 41 2.94 7.21 3.06
C VAL A 41 1.52 6.71 2.80
N VAL A 42 1.24 5.49 3.21
CA VAL A 42 -0.09 4.92 3.03
C VAL A 42 -0.95 5.18 4.26
N ILE A 43 -1.75 6.25 4.20
CA ILE A 43 -2.66 6.57 5.27
C ILE A 43 -3.75 5.51 5.38
N ASP A 44 -3.64 4.65 6.38
CA ASP A 44 -4.55 3.53 6.54
C ASP A 44 -5.84 3.96 7.23
N THR A 45 -6.93 4.05 6.47
CA THR A 45 -8.21 4.46 7.03
C THR A 45 -9.09 3.26 7.35
N GLU A 46 -8.57 2.06 7.10
CA GLU A 46 -9.35 0.84 7.31
C GLU A 46 -9.35 0.40 8.78
N HIS A 47 -8.21 0.53 9.43
CA HIS A 47 -8.09 0.12 10.83
C HIS A 47 -7.66 1.29 11.71
N VAL A 48 -8.11 2.48 11.35
CA VAL A 48 -7.87 3.68 12.14
C VAL A 48 -9.16 4.48 12.29
N ALA A 49 -9.54 4.72 13.54
CA ALA A 49 -10.65 5.63 13.82
C ALA A 49 -10.23 7.04 13.42
N ILE A 50 -10.66 7.49 12.25
CA ILE A 50 -10.22 8.77 11.73
C ILE A 50 -11.37 9.56 11.10
N ASN A 51 -11.56 10.78 11.58
CA ASN A 51 -12.57 11.68 11.04
C ASN A 51 -12.23 12.09 9.62
N ASP A 52 -13.25 12.43 8.84
CA ASP A 52 -13.06 12.81 7.45
C ASP A 52 -12.25 14.11 7.31
N GLU A 53 -12.44 15.03 8.24
CA GLU A 53 -11.72 16.30 8.23
C GLU A 53 -10.27 16.09 8.65
N THR A 54 -10.04 15.09 9.49
CA THR A 54 -8.69 14.75 9.92
C THR A 54 -7.91 14.14 8.77
N LEU A 55 -8.59 13.31 7.97
CA LEU A 55 -7.98 12.72 6.79
C LEU A 55 -7.55 13.79 5.80
N ALA A 56 -8.38 14.81 5.65
CA ALA A 56 -8.06 15.95 4.79
C ALA A 56 -6.87 16.72 5.36
N HIS A 57 -6.80 16.79 6.68
CA HIS A 57 -5.69 17.44 7.37
C HIS A 57 -4.38 16.71 7.08
N LEU A 58 -4.45 15.39 7.07
CA LEU A 58 -3.26 14.56 6.85
C LEU A 58 -2.76 14.65 5.41
N ILE A 59 -3.69 14.77 4.47
CA ILE A 59 -3.34 14.88 3.06
C ILE A 59 -2.67 16.23 2.79
N ARG A 60 -3.19 17.28 3.43
CA ARG A 60 -2.56 18.60 3.34
C ARG A 60 -1.17 18.57 3.97
N ALA A 61 -1.04 17.88 5.10
CA ALA A 61 0.22 17.78 5.82
C ALA A 61 1.26 17.02 4.98
N ALA A 62 0.82 16.00 4.28
CA ALA A 62 1.71 15.21 3.43
C ALA A 62 2.22 16.06 2.26
N GLU A 63 1.34 16.89 1.71
CA GLU A 63 1.69 17.75 0.58
C GLU A 63 2.66 18.84 0.98
N ALA A 64 2.46 19.41 2.17
CA ALA A 64 3.34 20.46 2.67
C ALA A 64 4.69 19.90 3.10
N ALA A 65 4.73 18.60 3.36
CA ALA A 65 5.97 17.93 3.75
C ALA A 65 6.64 17.28 2.54
N HIS A 66 6.00 17.45 1.39
CA HIS A 66 6.51 16.90 0.12
C HIS A 66 6.66 15.38 0.16
N ILE A 67 5.65 14.71 0.70
CA ILE A 67 5.59 13.25 0.66
C ILE A 67 4.26 12.85 0.03
N ILE A 68 4.29 11.84 -0.84
CA ILE A 68 3.11 11.44 -1.60
C ILE A 68 2.04 10.78 -0.73
N PRO A 69 0.83 11.36 -0.73
CA PRO A 69 -0.28 10.83 0.06
C PRO A 69 -1.04 9.70 -0.66
N ILE A 70 -0.96 8.49 -0.11
CA ILE A 70 -1.73 7.37 -0.60
C ILE A 70 -2.68 6.90 0.49
N VAL A 71 -3.95 6.69 0.14
CA VAL A 71 -4.95 6.31 1.14
C VAL A 71 -5.48 4.90 0.90
N ARG A 72 -5.34 4.04 1.90
CA ARG A 72 -5.94 2.71 1.84
C ARG A 72 -7.37 2.77 2.38
N VAL A 73 -8.34 2.60 1.49
CA VAL A 73 -9.74 2.67 1.85
C VAL A 73 -10.31 1.29 2.19
N THR A 74 -11.57 1.07 1.83
CA THR A 74 -12.18 -0.25 1.99
C THR A 74 -12.67 -0.76 0.65
N ASP A 80 -17.41 7.06 -1.12
CA ASP A 80 -16.41 7.74 -0.30
C ASP A 80 -15.03 7.69 -0.94
N ILE A 81 -14.93 6.95 -2.05
CA ILE A 81 -13.72 6.99 -2.87
C ILE A 81 -13.58 8.37 -3.47
N ILE A 82 -14.71 8.94 -3.87
CA ILE A 82 -14.76 10.28 -4.44
C ILE A 82 -14.24 11.32 -3.47
N LYS A 83 -14.72 11.26 -2.23
CA LYS A 83 -14.34 12.22 -1.20
C LYS A 83 -12.84 12.23 -0.95
N VAL A 84 -12.25 11.04 -0.79
CA VAL A 84 -10.81 10.93 -0.57
C VAL A 84 -10.03 11.51 -1.74
N LEU A 85 -10.43 11.16 -2.96
CA LEU A 85 -9.80 11.70 -4.15
C LEU A 85 -10.05 13.20 -4.27
N ASP A 86 -11.17 13.66 -3.74
CA ASP A 86 -11.47 15.09 -3.72
C ASP A 86 -10.63 15.81 -2.67
N MET A 87 -10.11 15.05 -1.70
CA MET A 87 -9.28 15.62 -0.65
C MET A 87 -7.85 15.86 -1.12
N GLY A 88 -7.46 15.21 -2.21
CA GLY A 88 -6.14 15.43 -2.79
C GLY A 88 -5.22 14.22 -2.72
N ALA A 89 -5.78 13.06 -2.43
CA ALA A 89 -5.01 11.82 -2.41
C ALA A 89 -4.50 11.51 -3.82
N ARG A 90 -3.23 11.13 -3.91
CA ARG A 90 -2.62 10.85 -5.20
C ARG A 90 -2.77 9.39 -5.57
N GLY A 91 -3.38 8.61 -4.70
CA GLY A 91 -3.54 7.19 -4.94
C GLY A 91 -4.51 6.52 -4.00
N ILE A 92 -5.11 5.43 -4.46
CA ILE A 92 -6.06 4.67 -3.67
C ILE A 92 -5.71 3.19 -3.64
N ILE A 93 -5.45 2.67 -2.45
CA ILE A 93 -5.23 1.24 -2.27
C ILE A 93 -6.52 0.59 -1.77
N VAL A 94 -7.08 -0.31 -2.56
CA VAL A 94 -8.30 -1.00 -2.19
C VAL A 94 -7.99 -2.40 -1.68
N PRO A 95 -8.39 -2.70 -0.43
CA PRO A 95 -8.11 -3.97 0.24
C PRO A 95 -9.07 -5.09 -0.14
N HIS A 96 -8.58 -6.33 -0.04
CA HIS A 96 -9.39 -7.53 -0.22
C HIS A 96 -10.13 -7.58 -1.56
N VAL A 97 -9.42 -7.26 -2.64
CA VAL A 97 -9.98 -7.37 -3.98
C VAL A 97 -10.03 -8.83 -4.41
N LYS A 98 -11.22 -9.30 -4.76
CA LYS A 98 -11.42 -10.70 -5.11
C LYS A 98 -11.78 -10.88 -6.58
N ASP A 99 -12.76 -10.11 -7.04
CA ASP A 99 -13.21 -10.21 -8.43
C ASP A 99 -12.75 -9.01 -9.24
N ARG A 100 -12.96 -9.05 -10.55
CA ARG A 100 -12.57 -7.96 -11.41
C ARG A 100 -13.62 -6.86 -11.41
N GLU A 101 -14.87 -7.25 -11.11
CA GLU A 101 -15.98 -6.32 -11.02
C GLU A 101 -15.63 -5.15 -10.11
N THR A 102 -14.97 -5.46 -9.00
CA THR A 102 -14.56 -4.46 -8.03
C THR A 102 -13.60 -3.44 -8.66
N VAL A 103 -12.58 -3.94 -9.35
CA VAL A 103 -11.54 -3.08 -9.92
C VAL A 103 -12.09 -2.10 -10.96
N GLU A 104 -12.87 -2.61 -11.90
CA GLU A 104 -13.44 -1.78 -12.95
C GLU A 104 -14.35 -0.69 -12.39
N HIS A 105 -15.03 -1.01 -11.28
CA HIS A 105 -15.90 -0.05 -10.62
C HIS A 105 -15.10 1.05 -9.95
N ILE A 106 -13.99 0.66 -9.32
CA ILE A 106 -13.09 1.62 -8.67
C ILE A 106 -12.48 2.54 -9.72
N VAL A 107 -12.08 1.96 -10.84
CA VAL A 107 -11.47 2.71 -11.93
C VAL A 107 -12.38 3.85 -12.42
N LYS A 108 -13.66 3.54 -12.62
CA LYS A 108 -14.60 4.55 -13.11
C LYS A 108 -15.20 5.36 -11.97
N LEU A 109 -14.84 5.02 -10.74
CA LEU A 109 -15.16 5.87 -9.60
C LEU A 109 -14.12 6.99 -9.50
N SER A 110 -12.99 6.78 -10.15
CA SER A 110 -11.88 7.72 -10.09
C SER A 110 -11.74 8.56 -11.36
N ARG A 111 -12.73 8.47 -12.25
CA ARG A 111 -12.68 9.20 -13.51
C ARG A 111 -13.81 10.23 -13.62
N TYR A 112 -13.73 11.06 -14.65
CA TYR A 112 -14.71 12.13 -14.87
C TYR A 112 -16.00 11.63 -15.50
N TYR A 113 -17.10 12.30 -15.19
CA TYR A 113 -18.28 12.23 -16.03
C TYR A 113 -17.88 12.76 -17.40
N PRO A 114 -18.45 12.20 -18.47
CA PRO A 114 -19.54 11.21 -18.54
C PRO A 114 -19.10 9.78 -18.26
N GLN A 115 -17.79 9.53 -18.23
CA GLN A 115 -17.29 8.20 -18.42
C GLN A 115 -16.62 7.85 -17.11
N GLY A 116 -17.31 8.26 -16.06
CA GLY A 116 -16.98 8.05 -14.66
C GLY A 116 -18.09 8.57 -13.76
N LEU A 117 -17.94 8.35 -12.45
CA LEU A 117 -18.92 8.74 -11.45
C LEU A 117 -18.35 9.80 -10.51
N ARG A 118 -17.44 10.63 -11.03
CA ARG A 118 -16.83 11.68 -10.22
C ARG A 118 -16.89 13.03 -10.94
N SER A 119 -17.25 14.08 -10.21
CA SER A 119 -17.34 15.42 -10.78
C SER A 119 -16.08 16.24 -10.52
N LEU A 120 -16.09 17.49 -10.97
CA LEU A 120 -14.96 18.38 -10.78
C LEU A 120 -15.29 19.50 -9.80
N HIS A 143 -3.52 11.77 -12.62
CA HIS A 143 -2.57 10.68 -12.59
C HIS A 143 -2.67 9.91 -11.28
N ILE A 144 -3.85 9.94 -10.67
CA ILE A 144 -4.11 9.24 -9.42
C ILE A 144 -3.90 7.73 -9.60
N MET A 145 -3.12 7.15 -8.69
CA MET A 145 -2.80 5.73 -8.77
C MET A 145 -3.94 4.86 -8.26
N VAL A 146 -4.46 4.01 -9.15
CA VAL A 146 -5.47 3.04 -8.76
C VAL A 146 -4.78 1.74 -8.36
N ILE A 147 -4.87 1.41 -7.07
CA ILE A 147 -4.13 0.27 -6.53
C ILE A 147 -5.03 -0.76 -5.87
N ALA A 148 -4.82 -2.03 -6.21
CA ALA A 148 -5.57 -3.12 -5.61
C ALA A 148 -4.66 -4.02 -4.79
N MET A 149 -5.08 -4.36 -3.59
CA MET A 149 -4.29 -5.22 -2.71
C MET A 149 -4.90 -6.62 -2.63
N ILE A 150 -4.07 -7.63 -2.84
CA ILE A 150 -4.54 -9.02 -2.80
C ILE A 150 -4.26 -9.65 -1.44
N GLN A 151 -5.32 -9.99 -0.72
CA GLN A 151 -5.19 -10.47 0.65
C GLN A 151 -6.03 -11.72 0.92
N ASP A 152 -6.80 -12.14 -0.07
CA ASP A 152 -7.57 -13.37 0.03
C ASP A 152 -7.19 -14.30 -1.11
N VAL A 153 -7.30 -15.60 -0.89
CA VAL A 153 -6.91 -16.59 -1.90
C VAL A 153 -7.80 -16.45 -3.15
N GLU A 154 -9.01 -15.92 -2.96
CA GLU A 154 -9.91 -15.66 -4.07
C GLU A 154 -9.30 -14.63 -5.04
N GLY A 155 -8.60 -13.65 -4.47
CA GLY A 155 -7.94 -12.64 -5.28
C GLY A 155 -6.76 -13.22 -6.06
N VAL A 156 -6.13 -14.22 -5.47
CA VAL A 156 -5.01 -14.90 -6.12
C VAL A 156 -5.50 -15.72 -7.31
N MET A 157 -6.69 -16.30 -7.20
CA MET A 157 -7.22 -17.14 -8.28
C MET A 157 -7.70 -16.30 -9.46
N ALA A 158 -8.20 -15.11 -9.17
CA ALA A 158 -8.70 -14.23 -10.22
C ALA A 158 -7.65 -13.20 -10.64
N ILE A 159 -6.37 -13.52 -10.41
CA ILE A 159 -5.31 -12.55 -10.64
C ILE A 159 -5.07 -12.26 -12.12
N ASP A 160 -5.18 -13.28 -12.97
CA ASP A 160 -5.04 -13.08 -14.41
C ASP A 160 -6.19 -12.21 -14.90
N ASP A 161 -7.34 -12.43 -14.27
CA ASP A 161 -8.53 -11.65 -14.54
C ASP A 161 -8.35 -10.21 -14.06
N ILE A 162 -8.03 -10.06 -12.78
CA ILE A 162 -7.93 -8.75 -12.12
C ILE A 162 -6.87 -7.84 -12.75
N ALA A 163 -5.69 -8.40 -13.03
CA ALA A 163 -4.54 -7.60 -13.43
C ALA A 163 -4.52 -7.20 -14.91
N GLN A 164 -5.69 -7.04 -15.51
CA GLN A 164 -5.76 -6.62 -16.91
C GLN A 164 -6.77 -5.49 -17.12
N VAL A 165 -7.38 -5.03 -16.03
CA VAL A 165 -8.32 -3.91 -16.10
C VAL A 165 -7.64 -2.66 -16.63
N GLU A 166 -8.26 -2.04 -17.63
CA GLU A 166 -7.83 -0.73 -18.08
C GLU A 166 -8.13 0.28 -16.98
N GLY A 167 -7.09 0.81 -16.37
CA GLY A 167 -7.25 1.78 -15.30
C GLY A 167 -6.52 1.38 -14.03
N LEU A 168 -6.24 0.08 -13.91
CA LEU A 168 -5.50 -0.43 -12.76
C LEU A 168 -4.00 -0.28 -12.97
N ASP A 169 -3.36 0.48 -12.09
CA ASP A 169 -1.94 0.76 -12.23
C ASP A 169 -1.05 -0.19 -11.42
N MET A 170 -1.46 -0.46 -10.18
CA MET A 170 -0.62 -1.22 -9.26
C MET A 170 -1.37 -2.30 -8.51
N ILE A 171 -0.69 -3.41 -8.24
CA ILE A 171 -1.24 -4.49 -7.43
C ILE A 171 -0.33 -4.77 -6.24
N VAL A 172 -0.85 -4.61 -5.03
CA VAL A 172 -0.05 -4.79 -3.82
C VAL A 172 -0.17 -6.18 -3.22
N GLU A 173 0.95 -6.85 -3.06
CA GLU A 173 0.98 -8.13 -2.36
C GLU A 173 0.72 -7.97 -0.87
N GLY A 174 -0.10 -8.86 -0.33
CA GLY A 174 -0.40 -8.87 1.09
C GLY A 174 -0.32 -10.28 1.65
N ALA A 175 0.90 -10.82 1.64
CA ALA A 175 1.16 -12.22 1.99
C ALA A 175 0.70 -12.58 3.40
N ALA A 176 0.90 -11.68 4.35
CA ALA A 176 0.57 -11.95 5.75
C ALA A 176 -0.93 -12.14 5.94
N ASP A 177 -1.72 -11.18 5.48
CA ASP A 177 -3.17 -11.24 5.59
C ASP A 177 -3.72 -12.42 4.80
N LEU A 178 -3.06 -12.73 3.69
CA LEU A 178 -3.41 -13.87 2.86
C LEU A 178 -3.16 -15.17 3.61
N SER A 179 -2.04 -15.22 4.32
CA SER A 179 -1.70 -16.38 5.14
C SER A 179 -2.75 -16.59 6.22
N GLN A 180 -3.10 -15.50 6.90
CA GLN A 180 -4.06 -15.56 8.00
C GLN A 180 -5.45 -15.98 7.51
N SER A 181 -5.72 -15.73 6.24
CA SER A 181 -7.01 -16.09 5.65
C SER A 181 -7.05 -17.58 5.28
N LEU A 182 -5.88 -18.20 5.24
CA LEU A 182 -5.78 -19.63 4.89
C LEU A 182 -5.61 -20.48 6.13
N GLY A 183 -5.89 -19.91 7.30
CA GLY A 183 -5.75 -20.63 8.56
C GLY A 183 -4.31 -20.94 8.87
N ILE A 184 -3.41 -20.16 8.29
CA ILE A 184 -1.97 -20.37 8.48
C ILE A 184 -1.30 -19.11 9.01
N PRO A 185 -0.69 -19.18 10.20
CA PRO A 185 0.03 -18.05 10.81
C PRO A 185 1.22 -17.60 9.93
N TRP A 186 1.42 -16.30 9.76
CA TRP A 186 2.35 -15.71 8.80
C TRP A 186 3.78 -15.81 9.30
N GLN A 187 3.87 -16.04 10.60
CA GLN A 187 5.00 -16.41 11.41
C GLN A 187 5.75 -17.61 10.81
N THR A 188 5.00 -18.64 10.38
CA THR A 188 5.52 -19.70 9.50
C THR A 188 5.11 -19.34 8.08
N ARG A 189 6.02 -18.73 7.33
CA ARG A 189 5.76 -18.43 5.92
C ARG A 189 5.93 -19.66 5.04
N ASP A 190 4.82 -20.36 4.80
CA ASP A 190 4.85 -21.61 4.05
C ASP A 190 5.11 -21.38 2.56
N ASP A 191 5.45 -22.45 1.87
CA ASP A 191 5.76 -22.40 0.44
C ASP A 191 4.54 -21.99 -0.38
N GLN A 192 3.37 -22.47 0.03
CA GLN A 192 2.13 -22.22 -0.70
C GLN A 192 1.77 -20.75 -0.72
N VAL A 193 1.97 -20.07 0.42
CA VAL A 193 1.70 -18.65 0.52
C VAL A 193 2.67 -17.87 -0.36
N THR A 194 3.94 -18.25 -0.31
CA THR A 194 4.97 -17.61 -1.12
C THR A 194 4.75 -17.89 -2.61
N SER A 195 4.22 -19.07 -2.91
CA SER A 195 3.92 -19.45 -4.28
C SER A 195 2.80 -18.58 -4.86
N HIS A 196 1.78 -18.32 -4.04
CA HIS A 196 0.67 -17.48 -4.46
C HIS A 196 1.13 -16.05 -4.72
N VAL A 197 2.16 -15.62 -4.00
CA VAL A 197 2.69 -14.27 -4.14
C VAL A 197 3.53 -14.12 -5.41
N GLN A 198 4.38 -15.09 -5.67
CA GLN A 198 5.24 -15.05 -6.85
C GLN A 198 4.41 -15.25 -8.12
N HIS A 199 3.29 -15.96 -7.99
CA HIS A 199 2.37 -16.13 -9.11
C HIS A 199 1.67 -14.82 -9.42
N ILE A 200 1.47 -14.00 -8.39
CA ILE A 200 0.84 -12.69 -8.54
C ILE A 200 1.76 -11.74 -9.31
N PHE A 201 3.03 -11.69 -8.93
CA PHE A 201 4.00 -10.84 -9.60
C PHE A 201 4.12 -11.18 -11.09
N GLU A 202 4.33 -12.46 -11.37
CA GLU A 202 4.50 -12.94 -12.74
C GLU A 202 3.33 -12.56 -13.63
N VAL A 203 2.11 -12.75 -13.11
CA VAL A 203 0.91 -12.37 -13.85
C VAL A 203 0.81 -10.86 -14.03
N VAL A 204 0.94 -10.14 -12.93
CA VAL A 204 0.88 -8.68 -12.94
C VAL A 204 1.94 -8.07 -13.85
N ASN A 205 3.16 -8.56 -13.75
CA ASN A 205 4.27 -8.06 -14.55
C ASN A 205 4.11 -8.40 -16.04
N ALA A 206 3.30 -9.41 -16.33
CA ALA A 206 3.09 -9.85 -17.71
C ALA A 206 2.20 -8.87 -18.48
N HIS A 207 1.38 -8.11 -17.75
CA HIS A 207 0.47 -7.17 -18.37
C HIS A 207 0.97 -5.74 -18.22
N GLY A 208 2.24 -5.60 -17.85
CA GLY A 208 2.87 -4.30 -17.71
C GLY A 208 2.33 -3.47 -16.57
N LYS A 209 1.76 -4.14 -15.57
CA LYS A 209 1.22 -3.46 -14.40
C LYS A 209 2.29 -3.37 -13.31
N HIS A 210 2.19 -2.34 -12.47
CA HIS A 210 3.16 -2.14 -11.39
C HIS A 210 2.93 -3.09 -10.22
N PHE A 211 4.02 -3.64 -9.70
CA PHE A 211 3.94 -4.53 -8.55
C PHE A 211 4.50 -3.84 -7.31
N CYS A 212 3.83 -4.03 -6.18
CA CYS A 212 4.30 -3.48 -4.91
C CYS A 212 4.44 -4.59 -3.88
N ALA A 213 5.62 -4.70 -3.29
CA ALA A 213 5.92 -5.78 -2.36
C ALA A 213 5.91 -5.30 -0.91
N LEU A 214 5.58 -6.22 -0.01
CA LEU A 214 5.67 -5.96 1.43
C LEU A 214 6.70 -6.89 2.06
N PRO A 215 8.00 -6.56 1.92
CA PRO A 215 9.08 -7.41 2.42
C PRO A 215 9.12 -7.44 3.95
N ARG A 216 9.25 -8.64 4.51
CA ARG A 216 9.36 -8.80 5.96
C ARG A 216 10.81 -8.57 6.39
N GLU A 217 11.73 -8.92 5.49
CA GLU A 217 13.14 -8.65 5.70
C GLU A 217 13.66 -7.69 4.63
N ASP A 218 14.75 -7.02 4.94
CA ASP A 218 15.31 -5.97 4.10
C ASP A 218 16.08 -6.52 2.90
N GLU A 219 16.25 -7.83 2.89
CA GLU A 219 16.96 -8.50 1.80
C GLU A 219 15.98 -9.13 0.82
N ASP A 220 14.70 -9.14 1.20
CA ASP A 220 13.64 -9.50 0.27
C ASP A 220 13.45 -8.36 -0.73
N ILE A 221 13.95 -7.18 -0.36
CA ILE A 221 13.91 -6.01 -1.22
C ILE A 221 14.78 -6.19 -2.46
N ALA A 222 16.02 -6.60 -2.25
CA ALA A 222 16.97 -6.79 -3.34
C ALA A 222 16.49 -7.88 -4.30
N LYS A 223 15.79 -8.87 -3.76
CA LYS A 223 15.25 -9.96 -4.56
C LYS A 223 14.13 -9.48 -5.48
N TRP A 224 13.26 -8.63 -4.94
CA TRP A 224 12.17 -8.09 -5.75
C TRP A 224 12.68 -7.11 -6.79
N GLN A 225 13.66 -6.29 -6.40
CA GLN A 225 14.23 -5.28 -7.30
C GLN A 225 14.88 -5.91 -8.53
N ALA A 226 15.50 -7.07 -8.34
CA ALA A 226 16.15 -7.78 -9.44
C ALA A 226 15.12 -8.29 -10.45
N GLN A 227 13.89 -8.45 -9.99
CA GLN A 227 12.80 -8.90 -10.85
C GLN A 227 12.12 -7.72 -11.55
N GLY A 228 12.48 -6.51 -11.14
CA GLY A 228 11.95 -5.31 -11.77
C GLY A 228 11.04 -4.49 -10.89
N VAL A 229 10.76 -5.01 -9.69
CA VAL A 229 9.89 -4.33 -8.75
C VAL A 229 10.53 -3.03 -8.25
N GLN A 230 9.73 -1.96 -8.22
CA GLN A 230 10.23 -0.65 -7.85
C GLN A 230 9.55 -0.10 -6.60
N THR A 231 8.36 -0.61 -6.30
CA THR A 231 7.56 -0.08 -5.20
C THR A 231 7.60 -1.00 -3.99
N PHE A 232 7.89 -0.42 -2.83
CA PHE A 232 8.03 -1.18 -1.60
C PHE A 232 7.38 -0.48 -0.40
N ILE A 233 6.51 -1.21 0.30
CA ILE A 233 5.96 -0.72 1.55
C ILE A 233 6.64 -1.43 2.72
N LEU A 234 7.31 -0.66 3.56
CA LEU A 234 8.07 -1.23 4.68
C LEU A 234 7.31 -1.12 6.00
N GLY A 235 6.38 -2.04 6.22
CA GLY A 235 5.66 -2.13 7.48
C GLY A 235 4.76 -0.94 7.77
N ASP A 236 4.40 -0.79 9.05
CA ASP A 236 3.57 0.32 9.48
C ASP A 236 4.25 1.08 10.61
N ASP A 237 3.97 2.37 10.71
CA ASP A 237 4.64 3.24 11.69
C ASP A 237 4.44 2.73 13.12
N ARG A 238 3.18 2.49 13.49
CA ARG A 238 2.84 2.02 14.83
C ARG A 238 3.59 0.75 15.20
N GLY A 239 3.73 -0.15 14.23
CA GLY A 239 4.42 -1.41 14.44
C GLY A 239 5.91 -1.23 14.67
N LYS A 240 6.54 -0.40 13.86
CA LYS A 240 7.98 -0.16 13.98
C LYS A 240 8.31 0.68 15.21
N ILE A 241 7.41 1.59 15.59
CA ILE A 241 7.62 2.44 16.75
C ILE A 241 7.54 1.64 18.04
N TYR A 242 6.59 0.71 18.12
CA TYR A 242 6.49 -0.17 19.28
C TYR A 242 7.72 -1.05 19.42
N ARG A 243 8.19 -1.60 18.31
CA ARG A 243 9.32 -2.50 18.31
C ARG A 243 10.61 -1.80 18.74
N HIS A 244 10.85 -0.60 18.21
CA HIS A 244 12.04 0.15 18.56
C HIS A 244 12.00 0.61 20.02
N LEU A 245 10.89 1.20 20.42
CA LEU A 245 10.75 1.78 21.76
C LEU A 245 10.87 0.74 22.88
N SER A 246 10.10 -0.35 22.76
CA SER A 246 10.08 -1.37 23.80
C SER A 246 11.45 -2.04 23.94
N ALA A 247 12.14 -2.23 22.83
CA ALA A 247 13.47 -2.84 22.84
C ALA A 247 14.50 -1.88 23.40
N SER A 248 14.47 -0.64 22.93
CA SER A 248 15.41 0.38 23.39
C SER A 248 15.29 0.61 24.89
N LEU A 249 14.05 0.62 25.39
CA LEU A 249 13.80 0.77 26.81
C LEU A 249 14.31 -0.44 27.59
N ALA A 250 14.14 -1.62 27.00
CA ALA A 250 14.61 -2.86 27.61
C ALA A 250 16.12 -2.84 27.81
N THR A 251 16.83 -2.41 26.77
CA THR A 251 18.28 -2.28 26.83
C THR A 251 18.67 -1.22 27.85
N SER A 252 17.85 -0.19 27.99
CA SER A 252 18.10 0.91 28.92
C SER A 252 18.10 0.42 30.36
N LYS A 253 17.20 -0.50 30.67
CA LYS A 253 17.16 -1.10 32.01
C LYS A 253 18.29 -2.11 32.16
N GLN A 254 18.52 -2.86 31.08
CA GLN A 254 19.58 -3.87 31.06
C GLN A 254 20.97 -3.25 31.28
N LYS A 255 21.23 -2.14 30.61
CA LYS A 255 22.49 -1.44 30.73
C LYS A 255 22.63 -0.79 32.11
N GLY A 256 21.49 -0.46 32.71
CA GLY A 256 21.47 0.26 33.98
C GLY A 256 22.11 -0.47 35.15
N ASP A 257 22.44 -1.75 34.96
CA ASP A 257 23.06 -2.52 36.02
C ASP A 257 24.08 -3.52 35.47
#